data_3VYQ
#
_entry.id   3VYQ
#
_cell.length_a   30.604
_cell.length_b   34.093
_cell.length_c   61.165
_cell.angle_alpha   75.28
_cell.angle_beta   77.76
_cell.angle_gamma   87.31
#
_symmetry.space_group_name_H-M   'P 1'
#
loop_
_entity.id
_entity.type
_entity.pdbx_description
1 polymer 'Methyl-CpG-binding domain protein 4'
2 polymer "DNA (5'-D(*AP*CP*AP*TP*CP*(5CM)P*GP*GP*TP*GP*A)-3')"
3 polymer "DNA (5'-D(*TP*CP*AP*CP*TP*GP*GP*AP*TP*GP*T)-3')"
4 non-polymer 'ZINC ION'
5 non-polymer 1,2-ETHANEDIOL
6 water water
#
loop_
_entity_poly.entity_id
_entity_poly.type
_entity_poly.pdbx_seq_one_letter_code
_entity_poly.pdbx_strand_id
1 'polypeptide(L)' STTATEGHKPVPCGWERVVKQRLSGKTAGKFDVYFISPQGLKFRSKRSLANYLLKNGETFLKPEDFNFTVLPKG A,D
2 'polydeoxyribonucleotide' (DA)(DC)(DA)(DT)(DC)(5CM)(DG)(DG)(DT)(DG)(DA) B
3 'polydeoxyribonucleotide' (DT)(DC)(DA)(DC)(DT)(DG)(DG)(DA)(DT)(DG)(DT) C
#
# COMPACT_ATOMS: atom_id res chain seq x y z
N HIS A 8 18.87 5.92 14.87
CA HIS A 8 18.74 5.48 16.25
C HIS A 8 17.84 6.44 17.01
N LYS A 9 16.71 5.94 17.51
CA LYS A 9 15.66 6.83 17.98
C LYS A 9 14.90 6.33 19.22
N PRO A 10 14.92 7.13 20.31
CA PRO A 10 14.34 6.75 21.59
C PRO A 10 12.81 6.77 21.59
N VAL A 11 12.22 6.04 22.53
CA VAL A 11 10.77 5.94 22.63
C VAL A 11 10.22 6.84 23.75
N PRO A 12 9.23 7.69 23.42
CA PRO A 12 8.64 8.66 24.34
C PRO A 12 8.18 8.02 25.65
N CYS A 13 8.43 8.72 26.75
CA CYS A 13 8.15 8.24 28.10
C CYS A 13 6.69 7.78 28.24
N GLY A 14 6.50 6.61 28.83
CA GLY A 14 5.18 6.07 29.04
C GLY A 14 4.64 5.29 27.84
N TRP A 15 5.21 5.53 26.67
CA TRP A 15 4.79 4.82 25.48
C TRP A 15 5.53 3.51 25.34
N GLU A 16 4.91 2.56 24.64
CA GLU A 16 5.53 1.28 24.37
C GLU A 16 5.57 1.00 22.87
N ARG A 17 6.72 0.56 22.40
CA ARG A 17 6.88 0.22 20.98
C ARG A 17 6.92 -1.28 20.80
N VAL A 18 6.04 -1.79 19.94
CA VAL A 18 5.97 -3.22 19.70
C VAL A 18 6.29 -3.60 18.27
N VAL A 19 7.29 -4.46 18.09
CA VAL A 19 7.62 -5.01 16.79
C VAL A 19 7.04 -6.41 16.67
N LYS A 20 6.07 -6.58 15.78
CA LYS A 20 5.36 -7.85 15.65
C LYS A 20 5.58 -8.51 14.29
N GLN A 21 5.65 -9.83 14.28
CA GLN A 21 5.75 -10.53 13.02
C GLN A 21 4.47 -11.26 12.66
N ARG A 22 4.11 -11.18 11.39
CA ARG A 22 2.91 -11.85 10.92
C ARG A 22 3.15 -13.34 10.82
N LEU A 23 2.16 -14.09 11.26
CA LEU A 23 2.29 -15.55 11.30
C LEU A 23 1.62 -16.27 10.14
N SER A 24 0.45 -15.80 9.72
CA SER A 24 -0.28 -16.51 8.67
C SER A 24 -0.61 -15.63 7.49
N GLY A 25 -1.17 -16.25 6.46
CA GLY A 25 -1.58 -15.54 5.28
C GLY A 25 -0.48 -15.37 4.24
N LYS A 26 -0.86 -14.82 3.12
CA LYS A 26 0.09 -14.50 2.08
C LYS A 26 1.21 -13.62 2.62
N THR A 27 0.96 -12.95 3.75
CA THR A 27 1.93 -11.98 4.28
C THR A 27 2.69 -12.47 5.50
N ALA A 28 2.72 -13.77 5.73
CA ALA A 28 3.46 -14.31 6.86
C ALA A 28 4.92 -13.87 6.77
N GLY A 29 5.54 -13.61 7.92
CA GLY A 29 6.92 -13.17 7.95
C GLY A 29 7.10 -11.67 7.89
N LYS A 30 6.11 -10.97 7.33
CA LYS A 30 6.12 -9.51 7.31
C LYS A 30 6.11 -8.99 8.75
N PHE A 31 6.70 -7.81 8.96
CA PHE A 31 6.71 -7.19 10.29
C PHE A 31 5.80 -6.00 10.36
N ASP A 32 5.24 -5.76 11.53
CA ASP A 32 4.48 -4.53 11.79
C ASP A 32 4.89 -3.91 13.12
N VAL A 33 5.15 -2.61 13.09
CA VAL A 33 5.43 -1.88 14.32
C VAL A 33 4.17 -1.14 14.74
N TYR A 34 3.85 -1.19 16.02
CA TYR A 34 2.82 -0.32 16.55
C TYR A 34 3.18 0.20 17.95
N PHE A 35 2.56 1.32 18.36
CA PHE A 35 2.84 1.91 19.66
C PHE A 35 1.63 1.86 20.58
N ILE A 36 1.89 1.81 21.89
CA ILE A 36 0.83 1.86 22.89
C ILE A 36 1.01 3.09 23.75
N SER A 37 -0.02 3.92 23.81
CA SER A 37 0.00 5.14 24.63
C SER A 37 0.06 4.78 26.11
N PRO A 38 0.40 5.76 26.97
CA PRO A 38 0.38 5.51 28.43
C PRO A 38 -1.02 5.14 28.93
N GLN A 39 -2.04 5.38 28.10
CA GLN A 39 -3.41 5.00 28.44
C GLN A 39 -3.84 3.67 27.80
N GLY A 40 -3.02 3.14 26.90
CA GLY A 40 -3.26 1.83 26.35
C GLY A 40 -3.94 1.83 24.99
N LEU A 41 -4.02 3.01 24.37
CA LEU A 41 -4.54 3.07 23.02
C LEU A 41 -3.44 2.59 22.09
N LYS A 42 -3.80 1.80 21.09
CA LYS A 42 -2.82 1.23 20.17
C LYS A 42 -2.87 1.90 18.81
N PHE A 43 -1.70 2.24 18.28
CA PHE A 43 -1.59 2.92 16.99
C PHE A 43 -0.78 2.11 15.99
N ARG A 44 -1.39 1.84 14.84
CA ARG A 44 -0.82 0.97 13.82
C ARG A 44 -0.09 1.74 12.74
N SER A 45 -0.15 3.07 12.82
CA SER A 45 0.47 3.90 11.80
C SER A 45 0.84 5.28 12.34
N LYS A 46 1.77 5.94 11.65
CA LYS A 46 2.20 7.25 12.05
C LYS A 46 1.09 8.27 11.78
N ARG A 47 0.31 8.01 10.74
CA ARG A 47 -0.81 8.89 10.44
C ARG A 47 -1.90 8.86 11.53
N SER A 48 -2.35 7.66 11.94
CA SER A 48 -3.37 7.57 13.00
C SER A 48 -2.87 8.19 14.31
N LEU A 49 -1.59 7.96 14.61
CA LEU A 49 -0.96 8.54 15.79
C LEU A 49 -0.88 10.08 15.69
N ALA A 50 -0.42 10.58 14.55
CA ALA A 50 -0.42 12.01 14.28
C ALA A 50 -1.80 12.64 14.42
N ASN A 51 -2.82 12.01 13.85
CA ASN A 51 -4.20 12.49 14.01
C ASN A 51 -4.60 12.54 15.49
N TYR A 52 -4.05 11.63 16.27
CA TYR A 52 -4.33 11.57 17.69
C TYR A 52 -3.67 12.75 18.41
N LEU A 53 -2.48 13.09 17.99
CA LEU A 53 -1.76 14.22 18.56
C LEU A 53 -2.49 15.52 18.26
N LEU A 54 -3.14 15.59 17.10
CA LEU A 54 -3.90 16.78 16.74
C LEU A 54 -5.19 16.89 17.51
N LYS A 55 -6.00 15.83 17.48
CA LYS A 55 -7.28 15.83 18.20
C LYS A 55 -7.07 16.37 19.60
N ASN A 56 -5.91 16.07 20.17
CA ASN A 56 -5.65 16.34 21.58
C ASN A 56 -4.82 17.57 21.84
N GLY A 57 -4.33 18.20 20.77
CA GLY A 57 -3.51 19.39 20.91
C GLY A 57 -2.16 19.16 21.58
N GLU A 58 -1.62 17.95 21.44
CA GLU A 58 -0.29 17.66 21.95
C GLU A 58 0.70 18.65 21.34
N THR A 59 1.40 19.38 22.19
CA THR A 59 2.36 20.37 21.71
C THR A 59 3.78 19.84 21.74
N PHE A 60 4.06 18.93 22.66
CA PHE A 60 5.41 18.49 22.93
C PHE A 60 5.87 17.35 22.01
N LEU A 61 5.15 16.24 22.04
CA LEU A 61 5.41 15.12 21.15
C LEU A 61 5.19 15.53 19.68
N LYS A 62 6.04 15.00 18.80
CA LYS A 62 5.91 15.18 17.36
C LYS A 62 5.77 13.81 16.70
N PRO A 63 5.06 13.73 15.57
CA PRO A 63 4.95 12.45 14.85
C PRO A 63 6.31 11.83 14.56
N GLU A 64 7.32 12.67 14.33
CA GLU A 64 8.65 12.18 14.00
C GLU A 64 9.35 11.50 15.17
N ASP A 65 8.80 11.64 16.37
CA ASP A 65 9.37 10.98 17.55
C ASP A 65 9.04 9.50 17.53
N PHE A 66 8.11 9.12 16.67
CA PHE A 66 7.65 7.74 16.62
C PHE A 66 8.16 7.02 15.39
N ASN A 67 8.90 5.95 15.62
CA ASN A 67 9.58 5.22 14.56
C ASN A 67 8.85 3.92 14.23
N PHE A 68 8.15 3.93 13.10
CA PHE A 68 7.33 2.80 12.69
C PHE A 68 8.07 1.82 11.78
N THR A 69 9.33 2.12 11.47
CA THR A 69 10.10 1.24 10.60
C THR A 69 10.88 0.18 11.39
N VAL A 70 11.16 -0.93 10.73
CA VAL A 70 11.88 -2.04 11.35
C VAL A 70 13.03 -2.50 10.47
N HIS D 8 -7.73 3.81 -30.11
CA HIS D 8 -8.71 3.04 -29.38
C HIS D 8 -8.35 1.55 -29.33
N LYS D 9 -7.08 1.25 -29.09
CA LYS D 9 -6.63 -0.13 -28.86
C LYS D 9 -7.61 -0.92 -27.98
N PRO D 10 -8.11 -2.06 -28.50
CA PRO D 10 -9.15 -2.85 -27.84
C PRO D 10 -8.63 -3.62 -26.63
N VAL D 11 -9.54 -3.97 -25.73
CA VAL D 11 -9.19 -4.70 -24.52
C VAL D 11 -9.48 -6.20 -24.67
N PRO D 12 -8.48 -7.05 -24.39
CA PRO D 12 -8.57 -8.50 -24.49
C PRO D 12 -9.79 -9.10 -23.78
N CYS D 13 -10.43 -10.07 -24.42
CA CYS D 13 -11.65 -10.70 -23.93
C CYS D 13 -11.49 -11.21 -22.50
N GLY D 14 -12.47 -10.90 -21.66
CA GLY D 14 -12.46 -11.33 -20.27
C GLY D 14 -11.72 -10.39 -19.33
N TRP D 15 -10.82 -9.58 -19.89
CA TRP D 15 -10.06 -8.63 -19.10
C TRP D 15 -10.84 -7.34 -18.93
N GLU D 16 -10.53 -6.63 -17.85
CA GLU D 16 -11.14 -5.34 -17.58
C GLU D 16 -10.07 -4.27 -17.41
N ARG D 17 -10.27 -3.12 -18.05
CA ARG D 17 -9.33 -2.01 -17.95
C ARG D 17 -9.94 -0.93 -17.08
N VAL D 18 -9.20 -0.51 -16.05
CA VAL D 18 -9.70 0.51 -15.13
C VAL D 18 -8.81 1.74 -15.14
N VAL D 19 -9.43 2.89 -15.41
CA VAL D 19 -8.74 4.18 -15.31
C VAL D 19 -9.11 4.86 -14.01
N LYS D 20 -8.15 5.01 -13.10
CA LYS D 20 -8.44 5.55 -11.79
C LYS D 20 -7.71 6.86 -11.54
N GLN D 21 -8.33 7.75 -10.76
CA GLN D 21 -7.68 8.99 -10.40
C GLN D 21 -7.30 9.01 -8.93
N ARG D 22 -6.09 9.49 -8.65
CA ARG D 22 -5.57 9.60 -7.29
C ARG D 22 -6.22 10.75 -6.54
N LEU D 23 -6.75 10.49 -5.35
CA LEU D 23 -7.56 11.47 -4.62
C LEU D 23 -6.77 12.30 -3.62
N SER D 24 -5.82 11.67 -2.94
CA SER D 24 -5.06 12.37 -1.92
C SER D 24 -3.55 12.31 -2.17
N GLY D 25 -2.79 13.01 -1.33
CA GLY D 25 -1.36 13.05 -1.45
C GLY D 25 -0.79 14.03 -2.47
N LYS D 26 0.50 13.86 -2.78
CA LYS D 26 1.30 14.79 -3.58
C LYS D 26 1.06 14.76 -5.10
N THR D 27 0.67 13.60 -5.63
CA THR D 27 0.40 13.44 -7.06
C THR D 27 -1.11 13.31 -7.31
N ALA D 28 -1.88 13.88 -6.38
CA ALA D 28 -3.34 13.86 -6.44
C ALA D 28 -3.85 14.39 -7.76
N GLY D 29 -4.84 13.70 -8.34
CA GLY D 29 -5.41 14.12 -9.60
C GLY D 29 -4.79 13.43 -10.81
N LYS D 30 -3.70 12.69 -10.61
CA LYS D 30 -3.09 11.94 -11.69
C LYS D 30 -3.87 10.66 -11.96
N PHE D 31 -3.83 10.19 -13.20
CA PHE D 31 -4.52 8.95 -13.56
C PHE D 31 -3.59 7.76 -13.67
N ASP D 32 -4.04 6.62 -13.18
CA ASP D 32 -3.35 5.36 -13.39
C ASP D 32 -4.31 4.45 -14.12
N VAL D 33 -3.77 3.49 -14.85
CA VAL D 33 -4.57 2.46 -15.46
C VAL D 33 -4.12 1.15 -14.85
N TYR D 34 -5.06 0.26 -14.58
CA TYR D 34 -4.69 -1.11 -14.30
C TYR D 34 -5.67 -2.06 -14.95
N PHE D 35 -5.28 -3.33 -15.06
CA PHE D 35 -6.12 -4.34 -15.68
C PHE D 35 -6.51 -5.42 -14.69
N ILE D 36 -7.66 -6.04 -14.92
CA ILE D 36 -8.12 -7.16 -14.13
C ILE D 36 -8.27 -8.40 -15.02
N SER D 37 -7.56 -9.47 -14.69
CA SER D 37 -7.64 -10.70 -15.47
C SER D 37 -9.03 -11.31 -15.32
N PRO D 38 -9.37 -12.28 -16.19
CA PRO D 38 -10.66 -12.98 -16.07
C PRO D 38 -10.79 -13.73 -14.74
N GLN D 39 -9.67 -13.89 -14.04
CA GLN D 39 -9.68 -14.54 -12.72
C GLN D 39 -9.65 -13.53 -11.58
N GLY D 40 -9.46 -12.25 -11.89
CA GLY D 40 -9.56 -11.20 -10.90
C GLY D 40 -8.23 -10.73 -10.32
N LEU D 41 -7.14 -11.18 -10.93
CA LEU D 41 -5.83 -10.68 -10.53
C LEU D 41 -5.68 -9.27 -11.09
N LYS D 42 -5.13 -8.36 -10.28
CA LYS D 42 -4.98 -6.98 -10.73
C LYS D 42 -3.53 -6.64 -11.06
N PHE D 43 -3.34 -5.98 -12.19
CA PHE D 43 -2.00 -5.59 -12.65
C PHE D 43 -1.90 -4.08 -12.80
N ARG D 44 -1.12 -3.47 -11.91
CA ARG D 44 -0.97 -2.02 -11.86
C ARG D 44 0.19 -1.52 -12.74
N SER D 45 0.98 -2.45 -13.27
CA SER D 45 2.08 -2.08 -14.14
C SER D 45 2.18 -3.04 -15.32
N LYS D 46 2.78 -2.54 -16.40
CA LYS D 46 2.99 -3.34 -17.59
C LYS D 46 3.95 -4.50 -17.34
N ARG D 47 5.03 -4.22 -16.61
CA ARG D 47 6.06 -5.23 -16.37
C ARG D 47 5.47 -6.40 -15.60
N SER D 48 4.60 -6.10 -14.66
CA SER D 48 4.03 -7.15 -13.82
C SER D 48 3.10 -8.04 -14.65
N LEU D 49 2.35 -7.43 -15.55
CA LEU D 49 1.47 -8.17 -16.46
C LEU D 49 2.27 -9.04 -17.43
N ALA D 50 3.30 -8.46 -18.05
CA ALA D 50 4.20 -9.21 -18.89
C ALA D 50 4.85 -10.39 -18.17
N ASN D 51 5.34 -10.17 -16.95
CA ASN D 51 5.90 -11.27 -16.15
C ASN D 51 4.86 -12.36 -15.89
N TYR D 52 3.60 -11.95 -15.81
CA TYR D 52 2.51 -12.88 -15.60
C TYR D 52 2.28 -13.75 -16.85
N LEU D 53 2.41 -13.12 -18.01
CA LEU D 53 2.26 -13.82 -19.28
C LEU D 53 3.38 -14.84 -19.46
N LEU D 54 4.56 -14.53 -18.94
CA LEU D 54 5.68 -15.46 -19.03
C LEU D 54 5.54 -16.64 -18.09
N LYS D 55 5.34 -16.36 -16.81
CA LYS D 55 5.20 -17.42 -15.81
C LYS D 55 4.14 -18.44 -16.21
N ASN D 56 3.21 -18.03 -17.08
CA ASN D 56 2.12 -18.89 -17.50
C ASN D 56 2.23 -19.42 -18.91
N GLY D 57 3.24 -18.96 -19.65
CA GLY D 57 3.44 -19.39 -21.01
C GLY D 57 2.34 -18.96 -21.98
N GLU D 58 1.69 -17.83 -21.69
CA GLU D 58 0.69 -17.29 -22.60
C GLU D 58 1.31 -17.08 -23.98
N THR D 59 0.74 -17.70 -25.00
CA THR D 59 1.31 -17.58 -26.34
C THR D 59 0.55 -16.56 -27.18
N PHE D 60 -0.72 -16.37 -26.86
CA PHE D 60 -1.59 -15.57 -27.70
C PHE D 60 -1.56 -14.09 -27.36
N LEU D 61 -1.86 -13.76 -26.11
CA LEU D 61 -1.78 -12.38 -25.63
C LEU D 61 -0.34 -11.88 -25.67
N LYS D 62 -0.16 -10.61 -26.03
CA LYS D 62 1.14 -9.95 -25.98
C LYS D 62 1.06 -8.75 -25.03
N PRO D 63 2.19 -8.38 -24.40
CA PRO D 63 2.19 -7.21 -23.52
C PRO D 63 1.67 -5.96 -24.22
N GLU D 64 1.95 -5.85 -25.51
CA GLU D 64 1.52 -4.69 -26.29
C GLU D 64 -0.01 -4.59 -26.48
N ASP D 65 -0.74 -5.67 -26.17
CA ASP D 65 -2.20 -5.64 -26.26
C ASP D 65 -2.78 -4.86 -25.12
N PHE D 66 -1.96 -4.57 -24.12
CA PHE D 66 -2.43 -3.90 -22.91
C PHE D 66 -1.95 -2.45 -22.86
N ASN D 67 -2.93 -1.54 -22.81
CA ASN D 67 -2.64 -0.11 -22.90
C ASN D 67 -2.73 0.58 -21.54
N PHE D 68 -1.58 0.85 -20.95
CA PHE D 68 -1.54 1.43 -19.60
C PHE D 68 -1.56 2.96 -19.59
N THR D 69 -1.59 3.57 -20.78
CA THR D 69 -1.54 5.02 -20.87
C THR D 69 -2.94 5.62 -20.89
N VAL D 70 -3.04 6.87 -20.44
CA VAL D 70 -4.32 7.57 -20.36
C VAL D 70 -4.21 8.95 -20.98
#